data_7PVO
#
_entry.id   7PVO
#
_cell.length_a   69.105
_cell.length_b   61.326
_cell.length_c   119.636
_cell.angle_alpha   90.000
_cell.angle_beta   98.417
_cell.angle_gamma   90.000
#
_symmetry.space_group_name_H-M   'I 1 2 1'
#
loop_
_entity.id
_entity.type
_entity.pdbx_description
1 polymer 'Adenylosuccinate synthetase'
2 non-polymer 'INOSINIC ACID'
3 non-polymer 'SULFATE ION'
4 water water
#
_entity_poly.entity_id   1
_entity_poly.type   'polypeptide(L)'
_entity_poly.pdbx_seq_one_letter_code
;MADVVVGIQWGDEGKGKIVDRIAKDYDFVVRYQGGHNAGHTIVHKGVKHSLHLMPSGVLYPKCKNIISSAVVVSVKDLCE
EISAFEDLENRLFVSDRAHVILPYHAKKDAFKEKSQNIGTTKKGIGPCYEDKMARSGIRMGDLLDDKILEEKLNAHFKAI
EPFKKAYDLGENYEKDLMGYFKTYAPKICPFIKDTTSMLIEANQKGEKILLEGAQGTLLDIDLGTYPFVTSSNTTSASAC
VSTGLNPKAINEVIGITKAYSTRVGNGPFPSEDTTPMGDHLRTKGAEFGTTTKRPRRCGWLDLVALKYACALNGCTQLAL
MKLDVLDGIDAIKVCVAYERKGERLEIFPSDLKDCVPIYQTFKGWEKSVGVRKLDDLEPNVREYIRFIEKEVGVKIRLIS
TSPEREDTIFL
;
_entity_poly.pdbx_strand_id   A
#
# COMPACT_ATOMS: atom_id res chain seq x y z
N ALA A 2 19.09 -3.77 1.48
CA ALA A 2 17.82 -3.05 1.56
C ALA A 2 16.77 -3.93 2.21
N ASP A 3 15.91 -3.36 3.05
CA ASP A 3 14.83 -4.08 3.70
C ASP A 3 13.50 -3.64 3.09
N VAL A 4 12.49 -4.50 3.14
CA VAL A 4 11.20 -4.26 2.51
C VAL A 4 10.09 -4.43 3.55
N VAL A 5 9.16 -3.49 3.60
CA VAL A 5 7.92 -3.63 4.35
C VAL A 5 6.81 -3.81 3.33
N VAL A 6 6.10 -4.95 3.39
CA VAL A 6 5.13 -5.30 2.36
C VAL A 6 3.82 -5.75 3.01
N GLY A 7 2.70 -5.28 2.47
CA GLY A 7 1.41 -5.77 2.93
C GLY A 7 1.13 -7.14 2.34
N ILE A 8 0.85 -8.13 3.20
CA ILE A 8 0.64 -9.47 2.67
C ILE A 8 -0.84 -9.83 2.55
N GLN A 9 -1.75 -8.86 2.71
CA GLN A 9 -3.17 -9.13 2.47
C GLN A 9 -3.67 -8.27 1.31
N TRP A 10 -4.82 -7.60 1.47
CA TRP A 10 -5.34 -6.70 0.45
C TRP A 10 -5.21 -5.24 0.88
N GLY A 11 -4.04 -4.83 1.35
CA GLY A 11 -3.85 -3.47 1.78
C GLY A 11 -4.41 -3.22 3.17
N ASP A 12 -4.18 -2.01 3.68
CA ASP A 12 -4.70 -1.58 4.99
C ASP A 12 -4.18 -2.47 6.13
N GLU A 13 -3.02 -3.10 5.94
CA GLU A 13 -2.50 -3.99 6.97
C GLU A 13 -1.84 -3.23 8.11
N GLY A 14 -1.41 -1.98 7.89
CA GLY A 14 -0.66 -1.22 8.88
C GLY A 14 0.78 -0.95 8.48
N LYS A 15 1.05 -0.84 7.17
CA LYS A 15 2.42 -0.65 6.69
C LYS A 15 2.99 0.70 7.12
N GLY A 16 2.17 1.76 7.03
CA GLY A 16 2.68 3.08 7.39
C GLY A 16 3.13 3.15 8.83
N LYS A 17 2.37 2.55 9.75
CA LYS A 17 2.79 2.56 11.14
C LYS A 17 4.13 1.86 11.31
N ILE A 18 4.30 0.68 10.69
CA ILE A 18 5.55 -0.05 10.89
C ILE A 18 6.72 0.71 10.27
N VAL A 19 6.54 1.28 9.07
CA VAL A 19 7.64 2.03 8.46
C VAL A 19 8.03 3.21 9.36
N ASP A 20 7.04 3.95 9.84
CA ASP A 20 7.35 5.09 10.70
C ASP A 20 8.03 4.62 11.99
N ARG A 21 7.62 3.48 12.53
CA ARG A 21 8.23 2.96 13.75
C ARG A 21 9.70 2.61 13.55
N ILE A 22 10.08 2.06 12.39
CA ILE A 22 11.47 1.63 12.22
C ILE A 22 12.30 2.58 11.36
N ALA A 23 11.69 3.66 10.82
CA ALA A 23 12.38 4.48 9.82
C ALA A 23 13.63 5.13 10.39
N LYS A 24 13.67 5.35 11.71
CA LYS A 24 14.82 5.97 12.37
C LYS A 24 16.12 5.23 12.10
N ASP A 25 16.04 3.93 11.82
CA ASP A 25 17.23 3.12 11.60
C ASP A 25 17.70 3.12 10.14
N TYR A 26 17.09 3.93 9.27
CA TYR A 26 17.41 3.88 7.84
C TYR A 26 17.83 5.24 7.29
N ASP A 27 18.63 5.22 6.24
CA ASP A 27 19.02 6.45 5.55
C ASP A 27 18.02 6.85 4.48
N PHE A 28 17.34 5.88 3.87
CA PHE A 28 16.35 6.15 2.83
C PHE A 28 15.08 5.36 3.14
N VAL A 29 13.93 5.98 2.88
CA VAL A 29 12.63 5.32 2.91
C VAL A 29 11.98 5.56 1.56
N VAL A 30 11.59 4.48 0.89
CA VAL A 30 11.28 4.53 -0.54
C VAL A 30 9.88 3.98 -0.77
N ARG A 31 8.96 4.85 -1.24
CA ARG A 31 7.72 4.37 -1.83
C ARG A 31 8.02 3.93 -3.26
N TYR A 32 7.75 2.67 -3.59
CA TYR A 32 8.19 2.16 -4.89
C TYR A 32 7.07 1.87 -5.88
N GLN A 33 5.80 1.89 -5.49
CA GLN A 33 4.76 1.72 -6.50
C GLN A 33 3.44 2.33 -6.01
N GLY A 34 2.42 2.26 -6.88
CA GLY A 34 1.13 2.83 -6.54
C GLY A 34 1.16 4.36 -6.60
N GLY A 35 0.14 4.97 -6.02
CA GLY A 35 0.03 6.43 -5.98
C GLY A 35 -0.63 6.88 -4.72
N HIS A 36 -1.55 7.82 -4.83
CA HIS A 36 -2.32 8.30 -3.70
C HIS A 36 -3.62 7.52 -3.52
N ASN A 37 -3.76 6.38 -4.22
CA ASN A 37 -4.75 5.40 -3.79
C ASN A 37 -4.42 4.87 -2.40
N ALA A 38 -3.12 4.83 -2.07
CA ALA A 38 -2.70 4.52 -0.71
C ALA A 38 -3.14 5.64 0.21
N GLY A 39 -3.40 5.28 1.46
CA GLY A 39 -4.01 6.22 2.37
C GLY A 39 -4.00 5.58 3.73
N HIS A 40 -3.16 6.10 4.59
CA HIS A 40 -2.94 5.50 5.89
C HIS A 40 -2.56 6.59 6.86
N THR A 41 -2.57 6.23 8.13
CA THR A 41 -2.22 7.15 9.18
C THR A 41 -0.99 6.68 9.94
N ILE A 42 -0.14 7.63 10.29
CA ILE A 42 0.84 7.51 11.36
C ILE A 42 0.28 8.25 12.54
N VAL A 43 0.37 7.66 13.74
CA VAL A 43 -0.12 8.30 14.95
C VAL A 43 1.00 8.30 15.98
N HIS A 44 1.29 9.47 16.54
CA HIS A 44 2.32 9.58 17.57
C HIS A 44 1.91 10.68 18.53
N LYS A 45 1.80 10.34 19.81
CA LYS A 45 1.48 11.31 20.85
C LYS A 45 0.18 12.05 20.54
N GLY A 46 -0.83 11.31 20.08
CA GLY A 46 -2.12 11.91 19.81
C GLY A 46 -2.20 12.78 18.57
N VAL A 47 -1.18 12.79 17.73
CA VAL A 47 -1.22 13.52 16.48
C VAL A 47 -1.27 12.50 15.34
N LYS A 48 -2.29 12.62 14.50
CA LYS A 48 -2.48 11.73 13.36
C LYS A 48 -1.94 12.40 12.11
N HIS A 49 -1.14 11.67 11.33
CA HIS A 49 -0.66 12.15 10.03
C HIS A 49 -1.20 11.23 8.95
N SER A 50 -2.02 11.78 8.06
CA SER A 50 -2.61 11.03 6.95
C SER A 50 -1.73 11.22 5.73
N LEU A 51 -1.01 10.17 5.35
CA LEU A 51 -0.14 10.18 4.19
C LEU A 51 -0.82 9.45 3.05
N HIS A 52 -0.51 9.85 1.82
CA HIS A 52 -1.05 9.19 0.63
C HIS A 52 0.09 8.71 -0.25
N LEU A 53 0.86 9.62 -0.86
CA LEU A 53 2.07 9.25 -1.58
C LEU A 53 3.34 9.59 -0.80
N MET A 54 3.29 10.55 0.11
CA MET A 54 4.43 10.86 0.97
C MET A 54 4.95 9.59 1.66
N PRO A 55 6.24 9.26 1.50
CA PRO A 55 6.79 8.11 2.23
C PRO A 55 6.72 8.30 3.74
N SER A 56 6.63 7.19 4.45
CA SER A 56 6.39 7.19 5.89
C SER A 56 7.66 7.37 6.71
N GLY A 57 8.74 7.85 6.10
CA GLY A 57 9.88 8.29 6.85
C GLY A 57 9.86 9.79 7.11
N VAL A 58 8.77 10.47 6.72
CA VAL A 58 8.74 11.93 6.71
C VAL A 58 8.86 12.54 8.11
N LEU A 59 8.52 11.81 9.17
CA LEU A 59 8.62 12.39 10.51
C LEU A 59 10.02 12.28 11.10
N TYR A 60 11.00 11.77 10.36
CA TYR A 60 12.40 11.75 10.79
C TYR A 60 13.21 12.60 9.83
N PRO A 61 13.49 13.86 10.17
CA PRO A 61 14.14 14.76 9.21
C PRO A 61 15.48 14.27 8.70
N LYS A 62 16.16 13.37 9.41
CA LYS A 62 17.43 12.83 8.93
C LYS A 62 17.26 11.78 7.83
N CYS A 63 16.05 11.23 7.68
N CYS A 63 16.06 11.28 7.63
CA CYS A 63 15.77 10.29 6.61
CA CYS A 63 15.80 10.26 6.62
C CYS A 63 15.63 11.01 5.27
C CYS A 63 15.50 10.91 5.27
N LYS A 64 16.03 10.33 4.20
CA LYS A 64 15.74 10.79 2.85
C LYS A 64 14.60 9.95 2.30
N ASN A 65 13.48 10.60 2.00
CA ASN A 65 12.30 9.94 1.47
C ASN A 65 12.34 9.96 -0.05
N ILE A 66 12.09 8.81 -0.67
CA ILE A 66 12.17 8.65 -2.12
C ILE A 66 10.83 8.19 -2.65
N ILE A 67 10.33 8.88 -3.65
CA ILE A 67 9.21 8.41 -4.46
C ILE A 67 9.80 7.88 -5.76
N SER A 68 9.75 6.56 -5.93
CA SER A 68 10.54 5.84 -6.95
C SER A 68 9.81 5.82 -8.30
N SER A 69 10.44 5.16 -9.28
CA SER A 69 10.03 5.32 -10.68
C SER A 69 8.74 4.58 -11.05
N ALA A 70 8.33 3.54 -10.33
CA ALA A 70 7.10 2.83 -10.67
C ALA A 70 5.86 3.45 -10.04
N VAL A 71 6.01 4.56 -9.33
CA VAL A 71 4.88 5.29 -8.74
C VAL A 71 4.16 6.08 -9.82
N VAL A 72 2.86 6.34 -9.63
CA VAL A 72 2.13 7.30 -10.46
C VAL A 72 1.76 8.50 -9.57
N VAL A 73 2.04 9.71 -10.05
CA VAL A 73 2.07 10.91 -9.21
C VAL A 73 0.94 11.85 -9.64
N SER A 74 -0.02 12.09 -8.74
CA SER A 74 -0.89 13.25 -8.86
C SER A 74 -0.13 14.45 -8.29
N VAL A 75 0.33 15.34 -9.17
CA VAL A 75 1.25 16.40 -8.76
C VAL A 75 0.57 17.33 -7.77
N LYS A 76 -0.66 17.75 -8.09
CA LYS A 76 -1.40 18.63 -7.19
C LYS A 76 -1.51 18.03 -5.79
N ASP A 77 -1.91 16.77 -5.71
CA ASP A 77 -2.08 16.13 -4.42
C ASP A 77 -0.75 15.98 -3.68
N LEU A 78 0.33 15.65 -4.41
CA LEU A 78 1.64 15.56 -3.76
C LEU A 78 2.09 16.92 -3.23
N CYS A 79 1.86 17.99 -4.00
CA CYS A 79 2.19 19.33 -3.51
C CYS A 79 1.42 19.65 -2.23
N GLU A 80 0.16 19.20 -2.15
CA GLU A 80 -0.62 19.46 -0.95
C GLU A 80 -0.05 18.70 0.26
N GLU A 81 0.48 17.48 0.06
CA GLU A 81 1.15 16.79 1.17
C GLU A 81 2.45 17.48 1.55
N ILE A 82 3.19 17.98 0.56
CA ILE A 82 4.47 18.62 0.83
C ILE A 82 4.29 19.86 1.70
N SER A 83 3.20 20.59 1.49
CA SER A 83 2.99 21.83 2.23
C SER A 83 2.76 21.60 3.72
N ALA A 84 2.48 20.36 4.15
CA ALA A 84 2.22 20.08 5.55
C ALA A 84 3.48 19.89 6.38
N PHE A 85 4.66 19.88 5.76
CA PHE A 85 5.91 19.62 6.47
C PHE A 85 6.92 20.72 6.19
N GLU A 86 7.81 20.93 7.16
CA GLU A 86 8.84 21.95 7.05
C GLU A 86 10.14 21.39 6.46
N ASP A 87 10.71 22.14 5.51
CA ASP A 87 12.07 21.91 5.00
C ASP A 87 12.21 20.50 4.40
N LEU A 88 11.33 20.19 3.46
CA LEU A 88 11.36 18.89 2.77
C LEU A 88 12.42 18.84 1.68
N GLU A 89 12.81 20.01 1.15
CA GLU A 89 13.95 20.09 0.24
C GLU A 89 15.15 19.39 0.88
N ASN A 90 15.84 18.57 0.09
CA ASN A 90 16.96 17.72 0.51
C ASN A 90 16.56 16.52 1.36
N ARG A 91 15.26 16.27 1.60
CA ARG A 91 14.88 15.04 2.27
C ARG A 91 13.63 14.41 1.66
N LEU A 92 13.20 14.88 0.50
CA LEU A 92 12.19 14.24 -0.32
C LEU A 92 12.66 14.36 -1.77
N PHE A 93 12.68 13.24 -2.48
CA PHE A 93 13.11 13.19 -3.87
C PHE A 93 12.11 12.37 -4.66
N VAL A 94 11.71 12.88 -5.82
CA VAL A 94 10.70 12.28 -6.66
C VAL A 94 11.41 11.86 -7.95
N SER A 95 11.28 10.57 -8.30
CA SER A 95 11.97 10.07 -9.48
C SER A 95 11.55 10.84 -10.73
N ASP A 96 12.55 11.25 -11.53
CA ASP A 96 12.25 11.84 -12.83
C ASP A 96 11.64 10.84 -13.82
N ARG A 97 11.55 9.55 -13.47
CA ARG A 97 10.91 8.55 -14.30
C ARG A 97 9.52 8.15 -13.82
N ALA A 98 9.07 8.65 -12.67
CA ALA A 98 7.71 8.35 -12.23
C ALA A 98 6.71 8.98 -13.19
N HIS A 99 5.58 8.31 -13.39
CA HIS A 99 4.59 8.76 -14.36
C HIS A 99 3.57 9.69 -13.70
N VAL A 100 2.95 10.55 -14.53
CA VAL A 100 2.13 11.66 -14.04
C VAL A 100 0.66 11.34 -14.26
N ILE A 101 -0.14 11.42 -13.19
CA ILE A 101 -1.58 11.24 -13.30
C ILE A 101 -2.21 12.54 -13.78
N LEU A 102 -2.94 12.48 -14.88
CA LEU A 102 -3.66 13.62 -15.42
C LEU A 102 -5.12 13.54 -15.00
N PRO A 103 -5.84 14.67 -15.00
CA PRO A 103 -7.26 14.62 -14.61
C PRO A 103 -8.08 13.66 -15.44
N TYR A 104 -7.80 13.57 -16.74
CA TYR A 104 -8.48 12.63 -17.60
C TYR A 104 -8.40 11.20 -17.08
N HIS A 105 -7.31 10.85 -16.39
CA HIS A 105 -7.15 9.49 -15.89
C HIS A 105 -8.22 9.13 -14.87
N ALA A 106 -8.51 10.05 -13.95
CA ALA A 106 -9.55 9.79 -12.96
C ALA A 106 -10.92 9.72 -13.63
N LYS A 107 -11.16 10.54 -14.65
CA LYS A 107 -12.43 10.48 -15.36
C LYS A 107 -12.58 9.19 -16.13
N LYS A 108 -11.51 8.74 -16.81
CA LYS A 108 -11.54 7.45 -17.47
C LYS A 108 -11.79 6.33 -16.46
N ASP A 109 -11.16 6.43 -15.29
CA ASP A 109 -11.32 5.44 -14.23
C ASP A 109 -12.79 5.31 -13.84
N ALA A 110 -13.43 6.45 -13.55
CA ALA A 110 -14.86 6.44 -13.22
C ALA A 110 -15.70 5.87 -14.35
N PHE A 111 -15.38 6.22 -15.60
CA PHE A 111 -16.17 5.77 -16.74
C PHE A 111 -16.09 4.26 -16.91
N LYS A 112 -14.87 3.71 -16.89
CA LYS A 112 -14.73 2.26 -17.04
C LYS A 112 -15.38 1.52 -15.88
N GLU A 113 -15.41 2.14 -14.70
CA GLU A 113 -15.98 1.48 -13.52
C GLU A 113 -17.47 1.22 -13.69
N LYS A 114 -18.14 2.02 -14.52
CA LYS A 114 -19.57 1.78 -14.78
C LYS A 114 -19.82 0.38 -15.30
N SER A 115 -18.93 -0.13 -16.15
CA SER A 115 -19.12 -1.49 -16.65
C SER A 115 -18.28 -2.53 -15.92
N GLN A 116 -17.11 -2.16 -15.39
CA GLN A 116 -16.22 -3.16 -14.81
C GLN A 116 -16.47 -3.39 -13.32
N ASN A 117 -16.91 -2.36 -12.59
CA ASN A 117 -17.31 -2.50 -11.19
C ASN A 117 -16.24 -3.20 -10.35
N ILE A 118 -14.98 -2.79 -10.55
CA ILE A 118 -13.89 -3.36 -9.75
C ILE A 118 -13.95 -2.81 -8.33
N GLY A 119 -14.35 -1.56 -8.18
CA GLY A 119 -14.27 -0.88 -6.90
C GLY A 119 -12.94 -0.16 -6.71
N THR A 120 -12.46 0.51 -7.77
CA THR A 120 -11.20 1.23 -7.65
C THR A 120 -11.36 2.44 -6.74
N THR A 121 -10.23 3.05 -6.39
CA THR A 121 -10.31 4.30 -5.64
C THR A 121 -10.73 5.48 -6.51
N LYS A 122 -10.95 5.25 -7.81
CA LYS A 122 -11.38 6.28 -8.76
C LYS A 122 -10.43 7.46 -8.79
N LYS A 123 -9.13 7.21 -8.60
CA LYS A 123 -8.14 8.27 -8.58
C LYS A 123 -7.29 8.29 -9.85
N GLY A 124 -7.66 7.49 -10.85
CA GLY A 124 -6.93 7.44 -12.10
C GLY A 124 -5.66 6.61 -12.07
N ILE A 125 -5.48 5.77 -11.05
CA ILE A 125 -4.27 4.94 -10.95
C ILE A 125 -4.11 4.07 -12.18
N GLY A 126 -5.11 3.23 -12.46
CA GLY A 126 -5.07 2.32 -13.56
C GLY A 126 -4.83 2.96 -14.91
N PRO A 127 -5.65 3.97 -15.26
CA PRO A 127 -5.43 4.65 -16.55
C PRO A 127 -4.07 5.31 -16.68
N CYS A 128 -3.47 5.80 -15.59
CA CYS A 128 -2.10 6.30 -15.67
C CYS A 128 -1.13 5.18 -16.02
N TYR A 129 -1.26 4.01 -15.37
CA TYR A 129 -0.42 2.86 -15.72
C TYR A 129 -0.69 2.39 -17.16
N GLU A 130 -1.93 2.52 -17.63
CA GLU A 130 -2.25 2.21 -19.02
C GLU A 130 -1.43 3.06 -19.98
N ASP A 131 -1.39 4.37 -19.75
CA ASP A 131 -0.61 5.26 -20.62
C ASP A 131 0.87 4.99 -20.50
N LYS A 132 1.33 4.53 -19.34
CA LYS A 132 2.72 4.09 -19.22
C LYS A 132 2.98 2.92 -20.17
N MET A 133 2.11 1.90 -20.16
CA MET A 133 2.26 0.79 -21.10
C MET A 133 2.16 1.26 -22.55
N ALA A 134 1.26 2.22 -22.82
CA ALA A 134 1.15 2.79 -24.16
C ALA A 134 2.40 3.54 -24.57
N ARG A 135 3.24 3.90 -23.59
CA ARG A 135 4.40 4.77 -23.73
C ARG A 135 4.02 6.15 -24.26
N SER A 136 2.76 6.55 -24.04
CA SER A 136 2.33 7.91 -24.27
C SER A 136 2.36 8.75 -23.00
N GLY A 137 2.53 8.11 -21.84
CA GLY A 137 2.42 8.81 -20.59
C GLY A 137 3.51 9.85 -20.39
N ILE A 138 3.18 10.84 -19.58
CA ILE A 138 4.09 11.91 -19.16
C ILE A 138 4.79 11.47 -17.88
N ARG A 139 6.07 11.81 -17.77
CA ARG A 139 6.86 11.44 -16.61
C ARG A 139 7.33 12.72 -15.93
N MET A 140 7.69 12.59 -14.65
CA MET A 140 8.00 13.76 -13.85
C MET A 140 9.14 14.57 -14.45
N GLY A 141 10.11 13.89 -15.07
CA GLY A 141 11.22 14.60 -15.71
C GLY A 141 10.78 15.56 -16.80
N ASP A 142 9.66 15.25 -17.46
CA ASP A 142 9.14 16.14 -18.51
C ASP A 142 8.82 17.53 -17.98
N LEU A 143 8.49 17.65 -16.69
CA LEU A 143 8.11 18.94 -16.13
C LEU A 143 9.30 19.87 -16.02
N LEU A 144 10.52 19.36 -16.13
CA LEU A 144 11.70 20.19 -15.98
C LEU A 144 12.02 20.99 -17.23
N ASP A 145 11.33 20.73 -18.35
CA ASP A 145 11.58 21.43 -19.61
C ASP A 145 10.25 21.85 -20.20
N ASP A 146 10.00 23.17 -20.22
CA ASP A 146 8.72 23.69 -20.71
C ASP A 146 8.40 23.20 -22.12
N LYS A 147 9.40 23.19 -23.00
CA LYS A 147 9.18 22.77 -24.38
C LYS A 147 8.75 21.32 -24.45
N ILE A 148 9.43 20.45 -23.70
CA ILE A 148 9.08 19.03 -23.71
C ILE A 148 7.67 18.84 -23.16
N LEU A 149 7.36 19.50 -22.05
CA LEU A 149 6.05 19.33 -21.44
C LEU A 149 4.95 19.81 -22.38
N GLU A 150 5.16 20.96 -23.01
CA GLU A 150 4.21 21.48 -23.99
C GLU A 150 4.01 20.51 -25.14
N GLU A 151 5.10 19.94 -25.66
CA GLU A 151 4.97 18.99 -26.77
C GLU A 151 4.17 17.76 -26.35
N LYS A 152 4.41 17.27 -25.13
CA LYS A 152 3.71 16.06 -24.69
C LYS A 152 2.26 16.35 -24.34
N LEU A 153 1.99 17.52 -23.76
CA LEU A 153 0.61 17.92 -23.51
C LEU A 153 -0.17 18.02 -24.82
N ASN A 154 0.43 18.68 -25.83
CA ASN A 154 -0.24 18.80 -27.13
C ASN A 154 -0.57 17.44 -27.72
N ALA A 155 0.37 16.50 -27.65
CA ALA A 155 0.09 15.15 -28.11
C ALA A 155 -1.07 14.52 -27.32
N HIS A 156 -1.10 14.77 -26.01
CA HIS A 156 -2.19 14.27 -25.17
C HIS A 156 -3.54 14.86 -25.61
N PHE A 157 -3.59 16.18 -25.81
CA PHE A 157 -4.83 16.81 -26.25
C PHE A 157 -5.33 16.23 -27.57
N LYS A 158 -4.42 16.03 -28.52
CA LYS A 158 -4.79 15.39 -29.78
C LYS A 158 -5.36 14.00 -29.54
N ALA A 159 -4.62 13.15 -28.81
CA ALA A 159 -5.05 11.78 -28.60
C ALA A 159 -6.33 11.70 -27.80
N ILE A 160 -6.60 12.70 -26.95
CA ILE A 160 -7.75 12.64 -26.06
C ILE A 160 -9.03 13.13 -26.71
N GLU A 161 -8.96 13.76 -27.88
CA GLU A 161 -10.12 14.37 -28.52
C GLU A 161 -11.33 13.43 -28.65
N PRO A 162 -11.20 12.20 -29.18
CA PRO A 162 -12.39 11.35 -29.35
C PRO A 162 -13.04 10.91 -28.05
N PHE A 163 -12.48 11.26 -26.90
CA PHE A 163 -12.98 10.78 -25.61
C PHE A 163 -13.63 11.88 -24.78
N LYS A 164 -13.59 13.14 -25.23
CA LYS A 164 -14.03 14.25 -24.41
C LYS A 164 -15.49 14.08 -24.00
N LYS A 165 -16.33 13.61 -24.92
CA LYS A 165 -17.72 13.36 -24.59
C LYS A 165 -17.86 12.15 -23.67
N ALA A 166 -17.26 11.02 -24.05
CA ALA A 166 -17.46 9.78 -23.31
C ALA A 166 -17.00 9.92 -21.86
N TYR A 167 -15.86 10.57 -21.64
CA TYR A 167 -15.31 10.71 -20.31
C TYR A 167 -15.75 12.00 -19.63
N ASP A 168 -16.65 12.76 -20.27
CA ASP A 168 -17.17 14.01 -19.73
C ASP A 168 -16.05 14.96 -19.36
N LEU A 169 -15.12 15.16 -20.31
CA LEU A 169 -14.10 16.17 -20.16
C LEU A 169 -14.69 17.54 -20.45
N GLY A 170 -14.24 18.54 -19.71
CA GLY A 170 -14.81 19.87 -19.85
C GLY A 170 -14.56 20.48 -21.22
N GLU A 171 -15.17 21.64 -21.44
CA GLU A 171 -14.85 22.41 -22.64
C GLU A 171 -13.49 23.07 -22.51
N ASN A 172 -13.07 23.36 -21.28
CA ASN A 172 -11.79 23.99 -21.00
C ASN A 172 -10.73 23.01 -20.53
N TYR A 173 -10.88 21.71 -20.87
CA TYR A 173 -9.91 20.71 -20.43
C TYR A 173 -8.49 21.14 -20.77
N GLU A 174 -8.25 21.50 -22.04
CA GLU A 174 -6.93 21.91 -22.50
C GLU A 174 -6.42 23.13 -21.72
N LYS A 175 -7.20 24.21 -21.74
CA LYS A 175 -6.79 25.42 -21.03
C LYS A 175 -6.55 25.15 -19.55
N ASP A 176 -7.41 24.34 -18.94
CA ASP A 176 -7.30 24.08 -17.50
C ASP A 176 -6.05 23.27 -17.18
N LEU A 177 -5.70 22.30 -18.03
CA LEU A 177 -4.53 21.47 -17.76
C LEU A 177 -3.25 22.27 -17.94
N MET A 178 -3.22 23.14 -18.96
CA MET A 178 -2.11 24.08 -19.12
C MET A 178 -1.89 24.88 -17.84
N GLY A 179 -2.96 25.47 -17.31
CA GLY A 179 -2.84 26.23 -16.07
C GLY A 179 -2.51 25.37 -14.86
N TYR A 180 -2.99 24.13 -14.86
CA TYR A 180 -2.63 23.20 -13.79
C TYR A 180 -1.11 23.11 -13.67
N PHE A 181 -0.44 22.82 -14.78
CA PHE A 181 1.01 22.65 -14.72
C PHE A 181 1.72 23.97 -14.50
N LYS A 182 1.17 25.07 -15.03
CA LYS A 182 1.68 26.39 -14.69
C LYS A 182 1.70 26.62 -13.19
N THR A 183 0.66 26.15 -12.49
CA THR A 183 0.62 26.31 -11.05
C THR A 183 1.57 25.35 -10.34
N TYR A 184 1.53 24.06 -10.71
CA TYR A 184 2.15 23.04 -9.86
C TYR A 184 3.56 22.65 -10.29
N ALA A 185 3.94 22.80 -11.56
CA ALA A 185 5.30 22.45 -11.96
C ALA A 185 6.35 23.25 -11.18
N PRO A 186 6.23 24.58 -11.02
CA PRO A 186 7.21 25.28 -10.19
C PRO A 186 7.29 24.73 -8.77
N LYS A 187 6.18 24.27 -8.21
CA LYS A 187 6.20 23.77 -6.84
C LYS A 187 6.96 22.45 -6.72
N ILE A 188 6.75 21.53 -7.67
CA ILE A 188 7.30 20.19 -7.53
C ILE A 188 8.70 20.03 -8.15
N CYS A 189 9.05 20.86 -9.14
CA CYS A 189 10.30 20.65 -9.87
C CYS A 189 11.57 20.59 -9.02
N PRO A 190 11.73 21.35 -7.93
CA PRO A 190 12.96 21.22 -7.12
C PRO A 190 13.15 19.84 -6.51
N PHE A 191 12.09 19.05 -6.37
CA PHE A 191 12.14 17.72 -5.79
C PHE A 191 12.45 16.63 -6.81
N ILE A 192 12.42 16.92 -8.11
CA ILE A 192 12.57 15.91 -9.14
C ILE A 192 14.05 15.57 -9.28
N LYS A 193 14.37 14.27 -9.24
CA LYS A 193 15.76 13.80 -9.22
C LYS A 193 15.86 12.45 -9.92
N ASP A 194 17.07 12.10 -10.34
CA ASP A 194 17.37 10.74 -10.80
C ASP A 194 17.52 9.89 -9.54
N THR A 195 16.42 9.35 -9.05
CA THR A 195 16.48 8.56 -7.83
C THR A 195 17.03 7.17 -8.09
N THR A 196 17.04 6.72 -9.35
CA THR A 196 17.65 5.44 -9.67
C THR A 196 19.15 5.48 -9.40
N SER A 197 19.85 6.48 -9.95
CA SER A 197 21.26 6.67 -9.62
C SER A 197 21.47 6.83 -8.13
N MET A 198 20.58 7.57 -7.46
CA MET A 198 20.71 7.77 -6.02
CA MET A 198 20.70 7.78 -6.03
C MET A 198 20.74 6.45 -5.28
N LEU A 199 19.79 5.56 -5.57
CA LEU A 199 19.70 4.32 -4.80
C LEU A 199 20.77 3.31 -5.22
N ILE A 200 21.12 3.27 -6.51
CA ILE A 200 22.26 2.44 -6.94
C ILE A 200 23.49 2.81 -6.12
N GLU A 201 23.74 4.10 -5.96
CA GLU A 201 24.92 4.56 -5.23
C GLU A 201 24.81 4.26 -3.74
N ALA A 202 23.63 4.50 -3.15
CA ALA A 202 23.44 4.21 -1.74
C ALA A 202 23.65 2.73 -1.44
N ASN A 203 23.11 1.87 -2.30
CA ASN A 203 23.31 0.43 -2.13
C ASN A 203 24.79 0.07 -2.25
N GLN A 204 25.49 0.62 -3.24
CA GLN A 204 26.93 0.37 -3.40
C GLN A 204 27.71 0.80 -2.16
N LYS A 205 27.34 1.94 -1.57
CA LYS A 205 27.99 2.47 -0.39
C LYS A 205 27.55 1.79 0.91
N GLY A 206 26.64 0.83 0.85
CA GLY A 206 26.17 0.17 2.06
C GLY A 206 25.28 1.01 2.95
N GLU A 207 24.66 2.06 2.41
CA GLU A 207 23.72 2.83 3.20
C GLU A 207 22.41 2.05 3.38
N LYS A 208 21.65 2.43 4.39
CA LYS A 208 20.52 1.63 4.87
C LYS A 208 19.22 2.09 4.20
N ILE A 209 18.59 1.18 3.46
CA ILE A 209 17.45 1.50 2.60
C ILE A 209 16.25 0.70 3.07
N LEU A 210 15.13 1.39 3.31
CA LEU A 210 13.87 0.76 3.63
C LEU A 210 12.88 1.00 2.50
N LEU A 211 12.30 -0.08 1.98
CA LEU A 211 11.37 -0.01 0.85
C LEU A 211 9.95 -0.18 1.39
N GLU A 212 9.08 0.78 1.11
CA GLU A 212 7.75 0.85 1.69
C GLU A 212 6.72 0.46 0.64
N GLY A 213 6.12 -0.73 0.79
CA GLY A 213 5.08 -1.14 -0.12
C GLY A 213 3.77 -0.42 0.13
N ALA A 214 2.95 -0.37 -0.90
CA ALA A 214 1.57 0.12 -0.79
C ALA A 214 0.62 -0.98 -1.27
N GLN A 215 -0.67 -0.77 -1.06
CA GLN A 215 -1.69 -1.81 -1.32
C GLN A 215 -1.23 -3.09 -0.62
N GLY A 216 -1.30 -4.25 -1.26
CA GLY A 216 -0.91 -5.48 -0.62
C GLY A 216 -0.72 -6.56 -1.66
N THR A 217 -0.13 -7.68 -1.22
CA THR A 217 0.22 -8.76 -2.14
C THR A 217 -0.99 -9.26 -2.93
N LEU A 218 -2.15 -9.42 -2.27
CA LEU A 218 -3.28 -9.99 -3.00
C LEU A 218 -3.93 -9.00 -3.97
N LEU A 219 -3.45 -7.76 -4.00
CA LEU A 219 -3.85 -6.75 -5.00
C LEU A 219 -2.85 -6.65 -6.16
N ASP A 220 -1.82 -7.50 -6.16
CA ASP A 220 -0.82 -7.50 -7.23
C ASP A 220 -1.47 -7.72 -8.60
N ILE A 221 -1.08 -6.90 -9.59
CA ILE A 221 -1.71 -6.96 -10.91
C ILE A 221 -1.50 -8.33 -11.56
N ASP A 222 -0.35 -8.98 -11.32
CA ASP A 222 -0.09 -10.30 -11.91
C ASP A 222 -0.64 -11.44 -11.07
N LEU A 223 -0.36 -11.42 -9.76
CA LEU A 223 -0.54 -12.58 -8.91
C LEU A 223 -1.66 -12.42 -7.89
N GLY A 224 -2.30 -11.26 -7.81
CA GLY A 224 -3.41 -11.05 -6.91
C GLY A 224 -4.72 -11.58 -7.49
N THR A 225 -5.84 -11.18 -6.86
CA THR A 225 -7.15 -11.71 -7.22
C THR A 225 -7.73 -10.97 -8.43
N TYR A 226 -7.03 -11.10 -9.57
CA TYR A 226 -7.38 -10.38 -10.79
C TYR A 226 -8.81 -10.73 -11.22
N PRO A 227 -9.60 -9.75 -11.72
CA PRO A 227 -9.32 -8.33 -12.00
C PRO A 227 -9.45 -7.40 -10.81
N PHE A 228 -9.74 -7.97 -9.64
CA PHE A 228 -9.95 -7.17 -8.43
C PHE A 228 -8.60 -6.94 -7.74
N VAL A 229 -7.79 -6.12 -8.40
CA VAL A 229 -6.41 -5.85 -8.03
C VAL A 229 -6.11 -4.39 -8.36
N THR A 230 -4.97 -3.90 -7.87
CA THR A 230 -4.45 -2.64 -8.38
C THR A 230 -3.56 -2.92 -9.59
N SER A 231 -3.22 -1.86 -10.33
CA SER A 231 -2.51 -2.00 -11.60
C SER A 231 -1.00 -1.88 -11.46
N SER A 232 -0.47 -2.20 -10.28
CA SER A 232 0.97 -2.23 -10.09
C SER A 232 1.33 -3.54 -9.41
N ASN A 233 2.63 -3.86 -9.45
CA ASN A 233 3.14 -5.01 -8.73
C ASN A 233 3.47 -4.58 -7.31
N THR A 234 3.02 -5.36 -6.33
CA THR A 234 2.99 -4.91 -4.95
C THR A 234 3.98 -5.64 -4.05
N THR A 235 4.68 -6.65 -4.55
CA THR A 235 5.46 -7.53 -3.70
C THR A 235 6.89 -7.00 -3.54
N SER A 236 7.68 -7.73 -2.72
CA SER A 236 9.06 -7.31 -2.49
C SER A 236 9.84 -7.24 -3.79
N ALA A 237 9.59 -8.14 -4.74
CA ALA A 237 10.37 -8.08 -5.97
C ALA A 237 10.12 -6.81 -6.75
N SER A 238 8.89 -6.27 -6.67
CA SER A 238 8.59 -5.01 -7.31
C SER A 238 9.45 -3.88 -6.77
N ALA A 239 9.81 -3.95 -5.49
CA ALA A 239 10.67 -2.94 -4.89
C ALA A 239 12.00 -2.85 -5.62
N CYS A 240 12.52 -3.98 -6.09
CA CYS A 240 13.81 -3.94 -6.78
C CYS A 240 13.65 -4.26 -8.26
N VAL A 241 12.47 -3.96 -8.83
CA VAL A 241 12.27 -3.92 -10.27
C VAL A 241 12.55 -2.53 -10.81
N SER A 242 12.08 -1.54 -10.06
CA SER A 242 11.91 -0.17 -10.49
C SER A 242 12.62 0.86 -9.61
N THR A 243 13.38 0.43 -8.60
CA THR A 243 14.15 1.37 -7.80
C THR A 243 15.55 1.59 -8.34
N GLY A 244 16.07 0.64 -9.09
CA GLY A 244 17.49 0.55 -9.32
C GLY A 244 18.21 -0.46 -8.45
N LEU A 245 17.55 -1.02 -7.45
CA LEU A 245 18.14 -2.06 -6.61
C LEU A 245 17.89 -3.42 -7.25
N ASN A 246 18.83 -4.34 -7.13
CA ASN A 246 18.69 -5.66 -7.72
C ASN A 246 18.16 -6.65 -6.67
N PRO A 247 17.69 -7.84 -7.09
CA PRO A 247 17.14 -8.78 -6.08
C PRO A 247 18.15 -9.22 -5.05
N LYS A 248 19.45 -9.26 -5.40
CA LYS A 248 20.47 -9.66 -4.43
C LYS A 248 20.56 -8.66 -3.28
N ALA A 249 20.11 -7.43 -3.48
CA ALA A 249 20.21 -6.41 -2.44
C ALA A 249 19.17 -6.56 -1.33
N ILE A 250 18.15 -7.39 -1.53
CA ILE A 250 17.04 -7.51 -0.59
C ILE A 250 17.46 -8.38 0.60
N ASN A 251 17.33 -7.83 1.82
CA ASN A 251 17.72 -8.53 3.03
C ASN A 251 16.48 -8.89 3.83
N GLU A 252 16.04 -8.06 4.78
CA GLU A 252 14.84 -8.39 5.54
C GLU A 252 13.58 -8.06 4.72
N VAL A 253 12.60 -8.95 4.79
CA VAL A 253 11.30 -8.72 4.17
C VAL A 253 10.25 -8.91 5.26
N ILE A 254 9.66 -7.81 5.71
CA ILE A 254 8.70 -7.81 6.80
C ILE A 254 7.29 -7.83 6.21
N GLY A 255 6.60 -8.96 6.37
CA GLY A 255 5.21 -9.08 5.94
C GLY A 255 4.26 -8.50 6.96
N ILE A 256 3.50 -7.48 6.56
CA ILE A 256 2.55 -6.83 7.46
C ILE A 256 1.20 -7.50 7.29
N THR A 257 0.64 -8.03 8.37
CA THR A 257 -0.70 -8.60 8.31
C THR A 257 -1.52 -8.17 9.53
N LYS A 258 -2.78 -7.81 9.28
CA LYS A 258 -3.68 -7.57 10.39
C LYS A 258 -4.02 -8.92 11.04
N ALA A 259 -4.44 -8.86 12.31
CA ALA A 259 -4.87 -10.06 13.03
C ALA A 259 -6.19 -10.62 12.50
N TYR A 260 -6.85 -9.89 11.60
CA TYR A 260 -8.05 -10.30 10.88
C TYR A 260 -7.87 -9.78 9.45
N SER A 261 -8.86 -9.97 8.57
CA SER A 261 -8.70 -9.54 7.18
C SER A 261 -9.71 -8.48 6.78
N THR A 262 -9.31 -7.63 5.83
CA THR A 262 -10.24 -6.72 5.19
C THR A 262 -9.96 -6.71 3.70
N ARG A 263 -10.99 -6.36 2.93
CA ARG A 263 -10.72 -5.74 1.64
C ARG A 263 -11.75 -4.65 1.42
N VAL A 264 -11.37 -3.67 0.61
CA VAL A 264 -12.26 -2.57 0.24
C VAL A 264 -12.33 -2.58 -1.28
N GLY A 265 -13.54 -2.55 -1.80
CA GLY A 265 -13.79 -2.84 -3.19
C GLY A 265 -14.30 -4.25 -3.37
N ASN A 266 -14.60 -4.59 -4.62
CA ASN A 266 -15.18 -5.88 -4.96
C ASN A 266 -14.10 -6.96 -5.07
N GLY A 267 -14.54 -8.20 -5.23
CA GLY A 267 -13.65 -9.33 -5.50
C GLY A 267 -13.73 -10.43 -4.46
N PRO A 268 -13.12 -11.58 -4.76
CA PRO A 268 -13.26 -12.74 -3.86
C PRO A 268 -12.61 -12.50 -2.52
N PHE A 269 -13.15 -13.16 -1.51
CA PHE A 269 -12.74 -12.93 -0.12
C PHE A 269 -13.16 -14.16 0.67
N PRO A 270 -12.40 -15.25 0.56
CA PRO A 270 -12.87 -16.53 1.13
C PRO A 270 -13.19 -16.45 2.62
N SER A 271 -12.44 -15.68 3.41
CA SER A 271 -12.67 -15.65 4.86
C SER A 271 -13.52 -14.46 5.30
N GLU A 272 -14.21 -13.80 4.36
CA GLU A 272 -15.19 -12.77 4.73
C GLU A 272 -16.25 -13.37 5.66
N ASP A 273 -16.64 -12.61 6.69
CA ASP A 273 -17.64 -13.11 7.64
C ASP A 273 -18.78 -12.08 7.75
N THR A 274 -19.88 -12.37 7.07
CA THR A 274 -21.07 -11.54 7.10
C THR A 274 -22.08 -11.99 8.17
N THR A 275 -21.71 -12.97 9.00
CA THR A 275 -22.58 -13.43 10.09
C THR A 275 -22.38 -12.55 11.33
N PRO A 276 -23.20 -12.72 12.37
CA PRO A 276 -22.98 -11.94 13.59
C PRO A 276 -21.59 -12.13 14.21
N MET A 277 -20.90 -13.24 13.94
CA MET A 277 -19.54 -13.39 14.46
C MET A 277 -18.60 -12.33 13.91
N GLY A 278 -18.85 -11.85 12.69
CA GLY A 278 -18.06 -10.79 12.10
C GLY A 278 -18.45 -9.39 12.50
N ASP A 279 -19.52 -9.23 13.30
CA ASP A 279 -20.02 -7.88 13.56
C ASP A 279 -19.07 -7.09 14.45
N HIS A 280 -18.35 -7.76 15.34
CA HIS A 280 -17.33 -7.07 16.13
C HIS A 280 -16.24 -6.49 15.24
N LEU A 281 -15.85 -7.23 14.20
CA LEU A 281 -14.87 -6.73 13.25
C LEU A 281 -15.36 -5.46 12.59
N ARG A 282 -16.66 -5.40 12.26
CA ARG A 282 -17.19 -4.26 11.54
C ARG A 282 -17.25 -3.03 12.42
N THR A 283 -17.67 -3.20 13.67
CA THR A 283 -17.73 -2.11 14.63
C THR A 283 -16.35 -1.47 14.84
N LYS A 284 -15.35 -2.29 15.13
CA LYS A 284 -14.04 -1.76 15.46
C LYS A 284 -13.07 -1.70 14.28
N GLY A 285 -13.40 -2.29 13.13
CA GLY A 285 -12.42 -2.42 12.07
C GLY A 285 -12.84 -2.21 10.63
N ALA A 286 -14.13 -1.96 10.36
CA ALA A 286 -14.53 -1.60 9.01
C ALA A 286 -14.11 -0.18 8.66
N GLU A 287 -14.07 0.70 9.66
CA GLU A 287 -13.63 2.08 9.49
C GLU A 287 -12.16 2.12 9.92
N PHE A 288 -11.29 1.77 8.98
CA PHE A 288 -9.85 1.72 9.22
C PHE A 288 -9.33 3.07 9.70
N GLY A 289 -9.64 3.42 10.95
CA GLY A 289 -9.36 4.75 11.47
C GLY A 289 -10.08 5.79 10.64
N THR A 290 -9.33 6.73 10.08
CA THR A 290 -9.82 7.59 9.01
C THR A 290 -8.71 7.62 7.95
N THR A 291 -8.76 8.64 7.08
CA THR A 291 -7.98 8.75 5.84
C THR A 291 -8.57 7.83 4.78
N THR A 292 -9.31 6.81 5.21
CA THR A 292 -9.99 5.88 4.33
C THR A 292 -11.49 6.07 4.47
N LYS A 293 -12.16 6.36 3.35
CA LYS A 293 -13.57 6.74 3.36
C LYS A 293 -14.51 5.54 3.24
N ARG A 294 -14.26 4.64 2.29
CA ARG A 294 -15.16 3.52 2.09
C ARG A 294 -15.02 2.51 3.22
N PRO A 295 -16.11 1.96 3.73
CA PRO A 295 -15.99 0.92 4.78
C PRO A 295 -15.39 -0.36 4.21
N ARG A 296 -14.59 -1.04 5.04
CA ARG A 296 -13.94 -2.26 4.60
C ARG A 296 -14.85 -3.47 4.84
N ARG A 297 -14.86 -4.39 3.87
CA ARG A 297 -15.38 -5.73 4.12
C ARG A 297 -14.50 -6.44 5.13
N CYS A 298 -15.12 -7.19 6.05
CA CYS A 298 -14.39 -7.75 7.17
C CYS A 298 -14.48 -9.27 7.19
N GLY A 299 -13.39 -9.88 7.63
CA GLY A 299 -13.32 -11.33 7.73
C GLY A 299 -12.13 -11.72 8.57
N TRP A 300 -11.84 -13.02 8.57
CA TRP A 300 -10.85 -13.61 9.46
C TRP A 300 -9.49 -13.76 8.75
N LEU A 301 -8.45 -13.92 9.56
CA LEU A 301 -7.13 -14.25 9.02
C LEU A 301 -7.22 -15.52 8.19
N ASP A 302 -6.55 -15.51 7.04
CA ASP A 302 -6.63 -16.58 6.04
C ASP A 302 -5.21 -17.07 5.83
N LEU A 303 -4.88 -18.22 6.42
CA LEU A 303 -3.50 -18.72 6.38
C LEU A 303 -3.15 -19.29 5.02
N VAL A 304 -4.14 -19.77 4.25
CA VAL A 304 -3.87 -20.21 2.90
C VAL A 304 -3.31 -19.05 2.08
N ALA A 305 -4.00 -17.91 2.15
CA ALA A 305 -3.57 -16.72 1.41
C ALA A 305 -2.29 -16.15 2.01
N LEU A 306 -2.13 -16.22 3.33
CA LEU A 306 -0.92 -15.70 3.97
C LEU A 306 0.31 -16.47 3.52
N LYS A 307 0.22 -17.80 3.50
CA LYS A 307 1.35 -18.61 3.07
C LYS A 307 1.73 -18.33 1.62
N TYR A 308 0.71 -18.15 0.76
CA TYR A 308 0.95 -17.74 -0.63
C TYR A 308 1.71 -16.42 -0.69
N ALA A 309 1.21 -15.40 0.02
CA ALA A 309 1.86 -14.09 0.02
C ALA A 309 3.28 -14.18 0.59
N CYS A 310 3.49 -14.96 1.65
CA CYS A 310 4.83 -15.09 2.22
C CYS A 310 5.81 -15.69 1.20
N ALA A 311 5.36 -16.69 0.44
CA ALA A 311 6.20 -17.29 -0.60
C ALA A 311 6.54 -16.29 -1.69
N LEU A 312 5.55 -15.48 -2.10
CA LEU A 312 5.79 -14.51 -3.16
C LEU A 312 6.80 -13.46 -2.72
N ASN A 313 6.79 -13.09 -1.44
CA ASN A 313 7.62 -12.00 -0.95
C ASN A 313 8.96 -12.47 -0.38
N GLY A 314 9.05 -13.72 0.02
CA GLY A 314 10.19 -14.19 0.82
C GLY A 314 10.26 -13.57 2.20
N CYS A 315 9.11 -13.39 2.86
CA CYS A 315 9.10 -12.77 4.19
C CYS A 315 10.07 -13.47 5.14
N THR A 316 10.89 -12.68 5.83
CA THR A 316 11.79 -13.18 6.85
C THR A 316 11.24 -12.92 8.25
N GLN A 317 10.24 -12.05 8.36
CA GLN A 317 9.54 -11.77 9.60
C GLN A 317 8.13 -11.30 9.28
N LEU A 318 7.25 -11.41 10.27
CA LEU A 318 5.91 -10.89 10.18
C LEU A 318 5.68 -9.82 11.24
N ALA A 319 4.82 -8.85 10.92
CA ALA A 319 4.27 -7.92 11.89
C ALA A 319 2.77 -8.19 11.98
N LEU A 320 2.29 -8.46 13.19
CA LEU A 320 0.88 -8.71 13.42
C LEU A 320 0.26 -7.46 14.00
N MET A 321 -0.75 -6.91 13.32
CA MET A 321 -1.24 -5.56 13.53
C MET A 321 -2.70 -5.56 14.01
N LYS A 322 -3.05 -4.47 14.71
CA LYS A 322 -4.44 -4.14 15.06
C LYS A 322 -5.03 -5.19 16.02
N LEU A 323 -4.19 -5.68 16.94
CA LEU A 323 -4.68 -6.61 17.94
C LEU A 323 -5.76 -5.97 18.80
N ASP A 324 -5.65 -4.67 19.07
CA ASP A 324 -6.62 -3.97 19.90
C ASP A 324 -8.02 -4.03 19.30
N VAL A 325 -8.10 -4.14 17.97
CA VAL A 325 -9.41 -4.22 17.32
C VAL A 325 -10.15 -5.46 17.81
N LEU A 326 -9.42 -6.52 18.17
CA LEU A 326 -10.07 -7.74 18.61
C LEU A 326 -10.37 -7.75 20.11
N ASP A 327 -9.97 -6.71 20.84
CA ASP A 327 -10.27 -6.64 22.28
C ASP A 327 -11.78 -6.78 22.50
N GLY A 328 -12.16 -7.73 23.35
CA GLY A 328 -13.55 -7.91 23.70
C GLY A 328 -14.31 -8.90 22.83
N ILE A 329 -13.72 -9.36 21.74
CA ILE A 329 -14.41 -10.32 20.89
C ILE A 329 -14.47 -11.67 21.61
N ASP A 330 -15.61 -12.36 21.49
CA ASP A 330 -15.78 -13.63 22.19
C ASP A 330 -14.84 -14.69 21.63
N ALA A 331 -14.80 -14.81 20.31
CA ALA A 331 -14.03 -15.86 19.68
C ALA A 331 -13.49 -15.35 18.36
N ILE A 332 -12.32 -15.85 17.98
CA ILE A 332 -11.63 -15.48 16.75
C ILE A 332 -11.54 -16.73 15.90
N LYS A 333 -11.86 -16.61 14.62
CA LYS A 333 -11.67 -17.74 13.71
C LYS A 333 -10.46 -17.48 12.83
N VAL A 334 -9.80 -18.56 12.43
CA VAL A 334 -8.71 -18.52 11.48
C VAL A 334 -9.04 -19.51 10.37
N CYS A 335 -8.96 -19.06 9.13
CA CYS A 335 -9.15 -19.95 7.98
C CYS A 335 -7.85 -20.70 7.73
N VAL A 336 -7.87 -22.02 7.95
CA VAL A 336 -6.66 -22.82 7.86
C VAL A 336 -6.55 -23.58 6.55
N ALA A 337 -7.63 -23.65 5.78
CA ALA A 337 -7.67 -24.42 4.54
C ALA A 337 -8.95 -24.01 3.83
N TYR A 338 -9.06 -24.39 2.56
CA TYR A 338 -10.29 -24.21 1.80
C TYR A 338 -10.92 -25.57 1.53
N GLU A 339 -12.26 -25.59 1.47
CA GLU A 339 -13.02 -26.71 0.97
C GLU A 339 -13.58 -26.31 -0.39
N ARG A 340 -13.28 -27.09 -1.42
CA ARG A 340 -13.85 -26.87 -2.74
C ARG A 340 -14.43 -28.17 -3.26
N LYS A 341 -15.76 -28.26 -3.27
CA LYS A 341 -16.47 -29.44 -3.77
C LYS A 341 -15.90 -30.72 -3.16
N GLY A 342 -15.82 -30.73 -1.83
CA GLY A 342 -15.37 -31.88 -1.09
C GLY A 342 -13.87 -32.09 -1.03
N GLU A 343 -13.09 -31.28 -1.74
CA GLU A 343 -11.64 -31.36 -1.68
C GLU A 343 -11.09 -30.34 -0.70
N ARG A 344 -10.15 -30.76 0.15
CA ARG A 344 -9.45 -29.85 1.04
C ARG A 344 -8.23 -29.29 0.30
N LEU A 345 -8.15 -27.96 0.20
CA LEU A 345 -7.02 -27.29 -0.42
C LEU A 345 -6.16 -26.68 0.67
N GLU A 346 -4.86 -27.01 0.65
CA GLU A 346 -3.90 -26.38 1.52
C GLU A 346 -3.14 -25.26 0.82
N ILE A 347 -3.33 -25.08 -0.49
CA ILE A 347 -2.51 -24.17 -1.27
C ILE A 347 -3.44 -23.20 -2.00
N PHE A 348 -3.06 -21.93 -2.01
CA PHE A 348 -3.87 -20.87 -2.63
C PHE A 348 -4.02 -21.11 -4.12
N PRO A 349 -5.24 -21.31 -4.63
CA PRO A 349 -5.43 -21.57 -6.06
C PRO A 349 -5.58 -20.27 -6.85
N SER A 350 -5.41 -20.39 -8.16
CA SER A 350 -5.49 -19.25 -9.07
C SER A 350 -6.91 -18.79 -9.32
N ASP A 351 -7.91 -19.60 -8.94
CA ASP A 351 -9.32 -19.24 -9.03
C ASP A 351 -9.97 -19.62 -7.70
N LEU A 352 -10.58 -18.65 -7.03
CA LEU A 352 -11.15 -18.88 -5.70
C LEU A 352 -12.64 -19.29 -5.75
N LYS A 353 -13.18 -19.52 -6.95
CA LYS A 353 -14.54 -20.00 -7.09
C LYS A 353 -14.79 -21.25 -6.25
N ASP A 354 -15.86 -21.24 -5.47
CA ASP A 354 -16.32 -22.37 -4.68
C ASP A 354 -15.33 -22.74 -3.58
N CYS A 355 -14.37 -21.87 -3.27
CA CYS A 355 -13.47 -22.11 -2.15
C CYS A 355 -14.14 -21.62 -0.88
N VAL A 356 -14.48 -22.54 0.01
CA VAL A 356 -15.18 -22.23 1.25
C VAL A 356 -14.17 -22.34 2.38
N PRO A 357 -14.12 -21.37 3.30
CA PRO A 357 -13.11 -21.41 4.36
C PRO A 357 -13.36 -22.57 5.31
N ILE A 358 -12.28 -23.22 5.73
CA ILE A 358 -12.27 -24.17 6.84
C ILE A 358 -11.63 -23.47 8.03
N TYR A 359 -12.35 -23.39 9.14
CA TYR A 359 -11.97 -22.55 10.26
C TYR A 359 -11.50 -23.38 11.45
N GLN A 360 -10.55 -22.81 12.18
CA GLN A 360 -10.27 -23.16 13.56
C GLN A 360 -10.62 -21.95 14.41
N THR A 361 -11.17 -22.20 15.59
CA THR A 361 -11.65 -21.14 16.47
C THR A 361 -10.73 -21.01 17.68
N PHE A 362 -10.45 -19.77 18.06
CA PHE A 362 -9.58 -19.45 19.18
C PHE A 362 -10.33 -18.57 20.17
N LYS A 363 -9.90 -18.65 21.42
CA LYS A 363 -10.44 -17.80 22.46
C LYS A 363 -10.01 -16.37 22.23
N GLY A 364 -10.94 -15.43 22.42
CA GLY A 364 -10.63 -14.01 22.30
C GLY A 364 -9.90 -13.49 23.53
N TRP A 365 -9.62 -12.19 23.50
CA TRP A 365 -8.95 -11.54 24.60
C TRP A 365 -9.63 -10.20 24.86
N GLU A 366 -9.25 -9.56 25.97
CA GLU A 366 -9.98 -8.41 26.51
C GLU A 366 -9.23 -7.10 26.45
N LYS A 367 -7.91 -7.09 26.57
CA LYS A 367 -7.24 -5.82 26.83
C LYS A 367 -5.81 -5.81 26.30
N SER A 368 -5.65 -6.15 25.01
CA SER A 368 -4.33 -5.99 24.41
C SER A 368 -3.98 -4.52 24.18
N VAL A 369 -4.97 -3.62 24.15
CA VAL A 369 -4.74 -2.27 23.63
C VAL A 369 -3.63 -1.58 24.42
N GLY A 370 -2.68 -1.00 23.70
CA GLY A 370 -1.62 -0.22 24.32
C GLY A 370 -0.57 -1.02 25.05
N VAL A 371 -0.66 -2.34 25.09
CA VAL A 371 0.36 -3.14 25.76
C VAL A 371 1.67 -3.02 24.98
N ARG A 372 2.78 -2.92 25.70
CA ARG A 372 4.08 -2.68 25.10
C ARG A 372 5.11 -3.75 25.43
N LYS A 373 4.74 -4.77 26.21
CA LYS A 373 5.67 -5.82 26.61
C LYS A 373 5.01 -7.17 26.39
N LEU A 374 5.76 -8.10 25.80
CA LEU A 374 5.28 -9.47 25.63
C LEU A 374 4.74 -10.04 26.93
N ASP A 375 5.43 -9.74 28.05
CA ASP A 375 5.01 -10.25 29.36
C ASP A 375 3.62 -9.78 29.76
N ASP A 376 3.22 -8.59 29.31
CA ASP A 376 1.96 -7.98 29.75
C ASP A 376 0.75 -8.41 28.93
N LEU A 377 0.97 -9.16 27.85
CA LEU A 377 -0.15 -9.60 27.02
C LEU A 377 -0.87 -10.77 27.68
N GLU A 378 -2.17 -10.87 27.40
CA GLU A 378 -2.96 -11.99 27.88
C GLU A 378 -2.48 -13.29 27.24
N PRO A 379 -2.54 -14.40 27.97
CA PRO A 379 -2.21 -15.71 27.36
C PRO A 379 -2.89 -15.94 26.02
N ASN A 380 -4.16 -15.55 25.89
CA ASN A 380 -4.86 -15.85 24.64
C ASN A 380 -4.23 -15.14 23.45
N VAL A 381 -3.64 -13.97 23.68
CA VAL A 381 -2.93 -13.25 22.62
C VAL A 381 -1.70 -14.02 22.18
N ARG A 382 -0.85 -14.42 23.13
CA ARG A 382 0.35 -15.15 22.78
C ARG A 382 0.04 -16.50 22.15
N GLU A 383 -1.06 -17.16 22.55
CA GLU A 383 -1.43 -18.42 21.92
C GLU A 383 -1.82 -18.21 20.45
N TYR A 384 -2.55 -17.14 20.19
CA TYR A 384 -2.90 -16.79 18.81
C TYR A 384 -1.64 -16.52 17.99
N ILE A 385 -0.75 -15.68 18.51
CA ILE A 385 0.51 -15.38 17.83
C ILE A 385 1.29 -16.67 17.53
N ARG A 386 1.36 -17.56 18.52
CA ARG A 386 2.17 -18.77 18.33
C ARG A 386 1.59 -19.65 17.24
N PHE A 387 0.26 -19.78 17.19
CA PHE A 387 -0.38 -20.59 16.17
C PHE A 387 -0.07 -20.06 14.77
N ILE A 388 -0.20 -18.74 14.57
CA ILE A 388 0.03 -18.15 13.26
C ILE A 388 1.46 -18.41 12.80
N GLU A 389 2.43 -18.05 13.65
CA GLU A 389 3.85 -18.29 13.38
C GLU A 389 4.11 -19.70 12.93
N LYS A 390 3.64 -20.66 13.73
CA LYS A 390 3.88 -22.06 13.47
C LYS A 390 3.25 -22.52 12.16
N GLU A 391 1.99 -22.13 11.94
CA GLU A 391 1.30 -22.54 10.72
C GLU A 391 1.95 -21.92 9.49
N VAL A 392 2.39 -20.67 9.61
CA VAL A 392 2.93 -19.97 8.44
C VAL A 392 4.43 -20.22 8.29
N GLY A 393 5.13 -20.52 9.38
CA GLY A 393 6.55 -20.78 9.29
C GLY A 393 7.40 -19.54 9.17
N VAL A 394 6.86 -18.39 9.57
CA VAL A 394 7.61 -17.13 9.62
C VAL A 394 7.38 -16.54 11.00
N LYS A 395 8.46 -16.15 11.68
CA LYS A 395 8.36 -15.63 13.03
C LYS A 395 7.70 -14.25 13.02
N ILE A 396 6.76 -14.06 13.95
CA ILE A 396 6.19 -12.73 14.18
C ILE A 396 7.17 -11.96 15.06
N ARG A 397 7.79 -10.93 14.50
CA ARG A 397 8.79 -10.15 15.20
C ARG A 397 8.28 -8.81 15.72
N LEU A 398 7.10 -8.38 15.28
CA LEU A 398 6.51 -7.10 15.65
C LEU A 398 5.03 -7.32 15.94
N ILE A 399 4.54 -6.72 17.02
CA ILE A 399 3.14 -6.80 17.41
C ILE A 399 2.67 -5.39 17.67
N SER A 400 1.58 -4.99 17.02
CA SER A 400 1.02 -3.65 17.21
C SER A 400 -0.27 -3.72 18.02
N THR A 401 -0.33 -2.94 19.10
CA THR A 401 -1.48 -2.97 20.01
C THR A 401 -2.30 -1.69 20.02
N SER A 402 -2.03 -0.75 19.10
CA SER A 402 -2.85 0.43 18.88
C SER A 402 -2.23 1.22 17.74
N PRO A 403 -2.91 2.24 17.20
CA PRO A 403 -2.30 3.01 16.10
C PRO A 403 -1.02 3.75 16.49
N GLU A 404 -0.77 3.93 17.78
CA GLU A 404 0.34 4.77 18.24
C GLU A 404 1.67 4.13 17.89
N ARG A 405 2.58 4.93 17.34
CA ARG A 405 3.93 4.47 17.02
C ARG A 405 4.53 3.58 18.11
N GLU A 406 4.50 4.04 19.36
CA GLU A 406 5.20 3.33 20.44
C GLU A 406 4.42 2.15 20.99
N ASP A 407 3.17 1.94 20.60
CA ASP A 407 2.44 0.75 21.05
C ASP A 407 2.79 -0.44 20.13
N THR A 408 4.07 -0.80 20.19
CA THR A 408 4.65 -1.81 19.31
C THR A 408 5.61 -2.66 20.13
N ILE A 409 5.42 -3.98 20.07
CA ILE A 409 6.28 -4.93 20.77
C ILE A 409 7.24 -5.54 19.77
N PHE A 410 8.53 -5.56 20.10
CA PHE A 410 9.57 -6.18 19.28
C PHE A 410 10.02 -7.49 19.92
N LEU A 411 10.12 -8.54 19.11
CA LEU A 411 10.65 -9.83 19.60
C LEU A 411 11.91 -10.25 18.85
#